data_5G4C
#
_entry.id   5G4C
#
_cell.length_a   37.341
_cell.length_b   117.310
_cell.length_c   71.346
_cell.angle_alpha   90.00
_cell.angle_beta   92.65
_cell.angle_gamma   90.00
#
_symmetry.space_group_name_H-M   'P 1 21 1'
#
loop_
_entity.id
_entity.type
_entity.pdbx_description
1 polymer 'NAD-DEPENDENT PROTEIN DEACETYLASE SIRTUIN-2'
2 polymer SIRT2
3 non-polymer 'ZINC ION'
4 non-polymer CARBA-NICOTINAMIDE-ADENINE-DINUCLEOTIDE
5 water water
#
loop_
_entity_poly.entity_id
_entity_poly.type
_entity_poly.pdbx_seq_one_letter_code
_entity_poly.pdbx_strand_id
1 'polypeptide(L)'
;GEADMDFLRNLFSQTLSLGSQKERLLDELTLEGVARYMQSERCRRVICLVGAGISTSAGIPDFRSPSTGLYDNLEKYHLP
YPEAIFEISYFKKHPEPFFALAKELYPGQFKPTICHYFMRLLKDKGLLLRCYTQNIDTLERIAGLEQEDLVEAHGTFYTS
HCVSASCRHEYPLSWMKEKIFSEVTPKCEDCQSLVKPDIVFFGESLPARFFSCMQSDFLKVDLLLVMGTSLQVQPFASLI
SKAPLSTPRLLINKEKAGQSDPFLGMIMGLGGGMDFDSKKAYRDVAWLGECDQGCLALAELLGWKKELEDLVRREHASID
AQS
;
A,B
2 'polypeptide(L)' RAA(6G4)T E,F
#
# COMPACT_ATOMS: atom_id res chain seq x y z
N GLN A 21 19.37 -8.14 6.37
CA GLN A 21 18.59 -6.92 6.47
C GLN A 21 18.28 -6.33 5.09
N LYS A 22 17.76 -5.10 5.10
CA LYS A 22 17.27 -4.46 3.89
C LYS A 22 18.36 -3.69 3.15
N GLU A 23 19.37 -4.39 2.63
CA GLU A 23 20.42 -3.71 1.87
C GLU A 23 19.87 -3.03 0.61
N ARG A 24 20.39 -1.85 0.30
CA ARG A 24 19.98 -1.10 -0.88
C ARG A 24 20.91 -1.39 -2.05
N LEU A 25 20.38 -2.04 -3.09
CA LEU A 25 21.20 -2.47 -4.22
C LEU A 25 21.01 -1.59 -5.46
N LEU A 26 19.83 -1.00 -5.60
CA LEU A 26 19.58 -0.07 -6.70
C LEU A 26 20.06 1.33 -6.34
N ASP A 27 20.70 2.01 -7.27
CA ASP A 27 21.12 3.38 -7.02
C ASP A 27 19.88 4.29 -7.02
N GLU A 28 19.00 4.08 -7.99
CA GLU A 28 17.72 4.76 -8.04
C GLU A 28 16.60 3.80 -8.39
N LEU A 29 15.39 4.10 -7.93
CA LEU A 29 14.25 3.22 -8.15
C LEU A 29 13.62 3.51 -9.51
N THR A 30 14.37 3.22 -10.56
CA THR A 30 13.95 3.47 -11.94
C THR A 30 14.32 2.29 -12.82
N LEU A 31 13.77 2.22 -14.02
CA LEU A 31 14.16 1.20 -14.98
C LEU A 31 15.64 1.31 -15.30
N GLU A 32 16.14 2.54 -15.36
CA GLU A 32 17.55 2.80 -15.60
C GLU A 32 18.40 2.22 -14.48
N GLY A 33 17.98 2.44 -13.24
CA GLY A 33 18.65 1.88 -12.08
C GLY A 33 18.67 0.36 -12.12
N VAL A 34 17.54 -0.22 -12.53
CA VAL A 34 17.43 -1.67 -12.65
C VAL A 34 18.41 -2.20 -13.70
N ALA A 35 18.49 -1.51 -14.84
CA ALA A 35 19.43 -1.88 -15.90
C ALA A 35 20.87 -1.83 -15.40
N ARG A 36 21.21 -0.73 -14.73
CA ARG A 36 22.55 -0.55 -14.18
C ARG A 36 22.88 -1.66 -13.19
N TYR A 37 21.90 -2.04 -12.37
CA TYR A 37 22.06 -3.15 -11.44
C TYR A 37 22.28 -4.48 -12.16
N MET A 38 21.52 -4.68 -13.24
CA MET A 38 21.61 -5.91 -14.03
C MET A 38 22.97 -6.02 -14.70
N GLN A 39 23.57 -4.87 -15.00
CA GLN A 39 24.89 -4.85 -15.61
C GLN A 39 26.01 -5.06 -14.60
N SER A 40 25.67 -5.02 -13.31
CA SER A 40 26.66 -5.18 -12.25
C SER A 40 26.94 -6.66 -11.97
N GLU A 41 28.09 -6.92 -11.33
CA GLU A 41 28.52 -8.28 -11.04
C GLU A 41 27.63 -8.95 -9.99
N ARG A 42 26.90 -8.14 -9.23
CA ARG A 42 25.99 -8.63 -8.20
C ARG A 42 24.76 -9.37 -8.73
N CYS A 43 24.35 -9.04 -9.95
CA CYS A 43 23.12 -9.59 -10.50
C CYS A 43 23.37 -10.81 -11.36
N ARG A 44 23.18 -11.99 -10.77
CA ARG A 44 23.49 -13.23 -11.46
C ARG A 44 22.27 -14.08 -11.80
N ARG A 45 21.24 -14.00 -10.95
N ARG A 45 21.25 -14.01 -10.95
CA ARG A 45 20.09 -14.87 -11.09
CA ARG A 45 20.10 -14.87 -11.10
C ARG A 45 18.78 -14.07 -11.08
C ARG A 45 18.78 -14.10 -11.07
N VAL A 46 18.05 -14.16 -12.18
CA VAL A 46 16.79 -13.45 -12.30
C VAL A 46 15.62 -14.43 -12.28
N ILE A 47 14.61 -14.14 -11.48
CA ILE A 47 13.38 -14.92 -11.51
C ILE A 47 12.24 -14.09 -12.08
N CYS A 48 11.57 -14.62 -13.10
CA CYS A 48 10.41 -13.95 -13.66
C CYS A 48 9.11 -14.54 -13.14
N LEU A 49 8.20 -13.67 -12.70
CA LEU A 49 6.84 -14.07 -12.38
C LEU A 49 5.92 -13.39 -13.38
N VAL A 50 5.20 -14.19 -14.17
CA VAL A 50 4.37 -13.62 -15.23
C VAL A 50 2.93 -14.11 -15.18
N GLY A 51 2.03 -13.32 -15.76
CA GLY A 51 0.63 -13.65 -15.81
C GLY A 51 0.02 -13.37 -17.17
N ALA A 52 -1.30 -13.21 -17.19
CA ALA A 52 -2.04 -13.13 -18.44
C ALA A 52 -1.70 -11.88 -19.25
N GLY A 53 -1.19 -10.86 -18.56
CA GLY A 53 -0.80 -9.62 -19.20
C GLY A 53 0.28 -9.72 -20.25
N ILE A 54 1.10 -10.77 -20.19
CA ILE A 54 2.18 -10.94 -21.16
C ILE A 54 1.70 -11.67 -22.42
N SER A 55 0.44 -12.08 -22.44
CA SER A 55 -0.11 -12.80 -23.58
C SER A 55 -1.29 -12.09 -24.24
N THR A 56 -1.72 -10.96 -23.67
CA THR A 56 -2.84 -10.23 -24.24
C THR A 56 -2.51 -9.65 -25.61
N SER A 57 -1.25 -9.28 -25.82
CA SER A 57 -0.82 -8.75 -27.11
C SER A 57 -0.72 -9.88 -28.15
N ALA A 58 -0.75 -11.13 -27.68
CA ALA A 58 -0.78 -12.27 -28.57
C ALA A 58 -2.20 -12.61 -28.99
N GLY A 59 -3.17 -11.97 -28.37
CA GLY A 59 -4.57 -12.16 -28.71
C GLY A 59 -5.39 -12.92 -27.66
N ILE A 60 -4.76 -13.26 -26.54
CA ILE A 60 -5.45 -13.97 -25.47
C ILE A 60 -5.85 -13.03 -24.34
N PRO A 61 -7.16 -12.86 -24.11
CA PRO A 61 -7.66 -11.94 -23.09
C PRO A 61 -7.32 -12.37 -21.67
N ASP A 62 -7.22 -11.41 -20.76
CA ASP A 62 -6.99 -11.69 -19.34
C ASP A 62 -8.29 -11.77 -18.53
N PHE A 63 -8.18 -11.67 -17.21
CA PHE A 63 -9.35 -11.66 -16.33
C PHE A 63 -9.92 -10.27 -16.11
N ARG A 64 -9.11 -9.40 -15.50
CA ARG A 64 -9.58 -8.13 -14.94
C ARG A 64 -9.71 -6.92 -15.87
N SER A 65 -9.06 -6.93 -17.02
CA SER A 65 -9.03 -5.74 -17.87
C SER A 65 -10.45 -5.30 -18.28
N PRO A 66 -10.75 -4.01 -18.06
CA PRO A 66 -12.06 -3.42 -18.37
C PRO A 66 -12.47 -3.58 -19.83
N THR A 68 -12.62 -5.88 -22.10
CA THR A 68 -11.93 -6.90 -22.89
C THR A 68 -11.66 -8.15 -22.04
N GLY A 69 -11.50 -7.97 -20.74
CA GLY A 69 -11.22 -9.06 -19.83
C GLY A 69 -12.35 -10.08 -19.77
N LEU A 70 -12.00 -11.33 -19.50
CA LEU A 70 -12.97 -12.41 -19.41
C LEU A 70 -14.11 -12.13 -18.42
N TYR A 71 -13.76 -11.56 -17.28
CA TYR A 71 -14.73 -11.31 -16.21
C TYR A 71 -15.78 -10.27 -16.59
N ASP A 72 -15.54 -9.56 -17.68
CA ASP A 72 -16.50 -8.56 -18.16
C ASP A 72 -17.36 -9.08 -19.31
N ASN A 73 -17.19 -10.36 -19.66
CA ASN A 73 -17.87 -10.92 -20.82
C ASN A 73 -18.35 -12.36 -20.63
N LEU A 74 -18.80 -12.70 -19.43
CA LEU A 74 -19.24 -14.06 -19.13
C LEU A 74 -20.74 -14.11 -18.89
N GLU A 75 -21.43 -13.03 -19.24
CA GLU A 75 -22.87 -12.90 -19.01
C GLU A 75 -23.67 -14.00 -19.69
N LYS A 76 -23.26 -14.36 -20.90
CA LYS A 76 -24.00 -15.31 -21.72
C LYS A 76 -23.99 -16.74 -21.18
N TYR A 77 -23.18 -16.98 -20.15
CA TYR A 77 -23.05 -18.31 -19.59
C TYR A 77 -23.90 -18.52 -18.34
N HIS A 78 -24.57 -17.44 -17.92
CA HIS A 78 -25.41 -17.43 -16.72
C HIS A 78 -24.80 -18.21 -15.56
N LEU A 79 -23.59 -17.79 -15.17
CA LEU A 79 -22.93 -18.35 -14.00
C LEU A 79 -23.43 -17.68 -12.73
N PRO A 80 -23.42 -18.41 -11.60
CA PRO A 80 -23.73 -17.82 -10.30
C PRO A 80 -22.78 -16.66 -10.00
N TYR A 81 -21.58 -16.75 -10.54
CA TYR A 81 -20.57 -15.71 -10.43
C TYR A 81 -19.47 -16.02 -11.45
N PRO A 82 -18.70 -15.00 -11.87
CA PRO A 82 -17.72 -15.22 -12.96
C PRO A 82 -16.70 -16.32 -12.68
N GLU A 83 -16.00 -16.20 -11.55
CA GLU A 83 -14.91 -17.12 -11.22
C GLU A 83 -15.38 -18.58 -11.21
N ALA A 84 -16.69 -18.79 -11.13
CA ALA A 84 -17.25 -20.15 -11.13
C ALA A 84 -16.89 -20.92 -12.39
N ILE A 85 -16.70 -20.20 -13.51
CA ILE A 85 -16.37 -20.88 -14.76
C ILE A 85 -14.97 -21.50 -14.68
N PHE A 86 -14.17 -21.04 -13.73
CA PHE A 86 -12.83 -21.58 -13.52
C PHE A 86 -12.68 -22.28 -12.17
N GLU A 87 -13.81 -22.64 -11.57
CA GLU A 87 -13.80 -23.38 -10.32
C GLU A 87 -14.07 -24.85 -10.56
N ILE A 88 -13.31 -25.69 -9.88
CA ILE A 88 -13.28 -27.13 -10.16
C ILE A 88 -14.63 -27.83 -9.89
N SER A 89 -15.30 -27.49 -8.78
CA SER A 89 -16.58 -28.10 -8.46
C SER A 89 -17.63 -27.83 -9.54
N TYR A 90 -17.73 -26.56 -9.93
CA TYR A 90 -18.69 -26.14 -10.93
C TYR A 90 -18.33 -26.75 -12.28
N PHE A 91 -17.04 -26.80 -12.59
CA PHE A 91 -16.58 -27.41 -13.83
C PHE A 91 -17.01 -28.87 -13.88
N LYS A 92 -16.76 -29.62 -12.81
CA LYS A 92 -17.14 -31.02 -12.77
C LYS A 92 -18.65 -31.19 -12.89
N LYS A 93 -19.41 -30.29 -12.28
CA LYS A 93 -20.87 -30.36 -12.43
C LYS A 93 -21.32 -29.84 -13.80
N HIS A 94 -20.78 -28.70 -14.22
CA HIS A 94 -21.16 -28.08 -15.49
C HIS A 94 -19.94 -27.64 -16.28
N PRO A 95 -19.33 -28.56 -17.04
CA PRO A 95 -18.13 -28.28 -17.84
C PRO A 95 -18.41 -27.48 -19.10
N GLU A 96 -19.67 -27.48 -19.55
CA GLU A 96 -20.06 -26.86 -20.82
C GLU A 96 -19.65 -25.39 -20.99
N PRO A 97 -19.89 -24.54 -19.97
CA PRO A 97 -19.46 -23.14 -20.15
C PRO A 97 -17.97 -22.98 -20.41
N PHE A 98 -17.16 -23.70 -19.64
CA PHE A 98 -15.70 -23.65 -19.81
C PHE A 98 -15.29 -24.00 -21.22
N PHE A 99 -15.83 -25.10 -21.75
CA PHE A 99 -15.44 -25.57 -23.08
C PHE A 99 -16.00 -24.68 -24.20
N ALA A 100 -17.15 -24.07 -23.96
CA ALA A 100 -17.68 -23.09 -24.90
C ALA A 100 -16.73 -21.88 -24.97
N LEU A 101 -16.32 -21.42 -23.79
CA LEU A 101 -15.37 -20.31 -23.70
C LEU A 101 -14.03 -20.69 -24.35
N ALA A 102 -13.66 -21.96 -24.22
CA ALA A 102 -12.44 -22.46 -24.82
C ALA A 102 -12.54 -22.46 -26.34
N LYS A 103 -13.73 -22.79 -26.84
CA LYS A 103 -13.99 -22.76 -28.27
C LYS A 103 -13.89 -21.33 -28.80
N GLU A 104 -14.45 -20.40 -28.05
CA GLU A 104 -14.41 -19.00 -28.45
C GLU A 104 -13.01 -18.36 -28.35
N LEU A 105 -12.24 -18.72 -27.33
CA LEU A 105 -10.97 -18.04 -27.03
C LEU A 105 -9.72 -18.58 -27.68
N TYR A 106 -9.77 -19.82 -28.14
CA TYR A 106 -8.61 -20.50 -28.71
C TYR A 106 -8.10 -19.73 -29.92
N PRO A 107 -6.86 -19.19 -29.82
CA PRO A 107 -6.23 -18.47 -30.93
C PRO A 107 -6.01 -19.32 -32.17
N GLY A 108 -6.05 -18.71 -33.34
CA GLY A 108 -5.76 -19.41 -34.57
C GLY A 108 -4.37 -20.00 -34.58
N GLN A 109 -3.44 -19.33 -33.90
CA GLN A 109 -2.07 -19.80 -33.77
C GLN A 109 -1.46 -19.28 -32.47
N PHE A 110 -0.59 -20.08 -31.85
CA PHE A 110 0.09 -19.60 -30.66
C PHE A 110 1.42 -18.96 -31.04
N LYS A 111 1.53 -17.63 -30.99
CA LYS A 111 2.86 -17.06 -31.07
C LYS A 111 3.20 -16.32 -29.79
N PRO A 112 4.43 -16.53 -29.29
CA PRO A 112 4.93 -15.84 -28.09
C PRO A 112 5.12 -14.36 -28.38
N THR A 113 5.05 -13.54 -27.34
CA THR A 113 5.18 -12.10 -27.50
C THR A 113 6.62 -11.68 -27.30
N ILE A 114 6.90 -10.40 -27.54
CA ILE A 114 8.21 -9.81 -27.31
C ILE A 114 8.69 -10.09 -25.88
N CYS A 115 7.75 -10.08 -24.94
CA CYS A 115 8.05 -10.35 -23.53
C CYS A 115 8.59 -11.76 -23.29
N HIS A 116 7.89 -12.75 -23.84
CA HIS A 116 8.32 -14.15 -23.78
C HIS A 116 9.75 -14.29 -24.28
N TYR A 117 10.03 -13.65 -25.42
CA TYR A 117 11.35 -13.74 -26.04
C TYR A 117 12.37 -12.92 -25.26
N PHE A 118 11.91 -11.96 -24.46
CA PHE A 118 12.82 -11.26 -23.57
C PHE A 118 13.26 -12.23 -22.50
N MET A 119 12.32 -13.06 -22.03
CA MET A 119 12.69 -14.10 -21.06
C MET A 119 13.63 -15.14 -21.69
N ARG A 120 13.35 -15.50 -22.95
CA ARG A 120 14.23 -16.38 -23.71
C ARG A 120 15.65 -15.80 -23.80
N LEU A 121 15.72 -14.50 -24.02
CA LEU A 121 17.00 -13.80 -24.14
C LEU A 121 17.71 -13.80 -22.79
N LEU A 122 16.94 -13.64 -21.71
CA LEU A 122 17.49 -13.79 -20.36
C LEU A 122 18.11 -15.17 -20.19
N LYS A 123 17.43 -16.19 -20.72
CA LYS A 123 17.96 -17.55 -20.69
C LYS A 123 19.29 -17.64 -21.46
N ASP A 124 19.31 -17.06 -22.66
CA ASP A 124 20.50 -17.12 -23.50
C ASP A 124 21.68 -16.32 -22.93
N LYS A 125 21.40 -15.32 -22.12
CA LYS A 125 22.45 -14.52 -21.49
C LYS A 125 22.95 -15.15 -20.20
N GLY A 126 22.30 -16.23 -19.78
CA GLY A 126 22.69 -16.94 -18.59
C GLY A 126 22.18 -16.26 -17.32
N LEU A 127 21.17 -15.42 -17.47
CA LEU A 127 20.64 -14.69 -16.34
C LEU A 127 19.38 -15.32 -15.74
N LEU A 128 18.68 -16.12 -16.54
CA LEU A 128 17.41 -16.68 -16.10
C LEU A 128 17.56 -17.88 -15.18
N LEU A 129 17.21 -17.70 -13.92
CA LEU A 129 17.18 -18.79 -12.96
C LEU A 129 15.90 -19.61 -13.14
N ARG A 130 14.76 -18.92 -13.23
CA ARG A 130 13.48 -19.59 -13.41
C ARG A 130 12.39 -18.60 -13.83
N CYS A 131 11.45 -19.10 -14.64
CA CYS A 131 10.23 -18.37 -14.91
C CYS A 131 9.04 -19.08 -14.25
N TYR A 132 8.40 -18.40 -13.31
CA TYR A 132 7.16 -18.90 -12.73
C TYR A 132 5.99 -18.28 -13.48
N THR A 133 5.16 -19.11 -14.10
CA THR A 133 4.06 -18.57 -14.88
C THR A 133 2.69 -19.02 -14.37
N GLN A 134 1.74 -18.10 -14.39
CA GLN A 134 0.35 -18.42 -14.08
C GLN A 134 -0.42 -18.82 -15.33
N ASN A 135 0.19 -18.59 -16.49
CA ASN A 135 -0.48 -18.81 -17.77
C ASN A 135 -0.53 -20.28 -18.16
N ILE A 136 -1.52 -20.62 -18.98
CA ILE A 136 -1.74 -21.99 -19.40
C ILE A 136 -1.61 -22.16 -20.92
N ASP A 137 -1.13 -21.12 -21.59
CA ASP A 137 -1.11 -21.08 -23.05
C ASP A 137 0.14 -21.70 -23.69
N THR A 138 1.06 -22.16 -22.85
CA THR A 138 2.32 -22.80 -23.28
C THR A 138 3.24 -21.91 -24.12
N LEU A 139 3.01 -20.60 -24.10
CA LEU A 139 3.80 -19.70 -24.94
C LEU A 139 5.26 -19.62 -24.47
N GLU A 140 5.49 -19.88 -23.19
CA GLU A 140 6.85 -19.91 -22.65
C GLU A 140 7.66 -21.05 -23.28
N ARG A 141 7.06 -22.24 -23.36
CA ARG A 141 7.72 -23.37 -23.99
C ARG A 141 8.02 -23.07 -25.46
N ILE A 142 7.05 -22.51 -26.15
CA ILE A 142 7.17 -22.21 -27.57
C ILE A 142 8.26 -21.16 -27.81
N ALA A 143 8.40 -20.23 -26.87
CA ALA A 143 9.42 -19.19 -26.97
C ALA A 143 10.82 -19.76 -26.79
N GLY A 144 10.90 -21.00 -26.31
CA GLY A 144 12.17 -21.70 -26.20
C GLY A 144 12.69 -21.91 -24.80
N LEU A 145 11.89 -21.59 -23.80
CA LEU A 145 12.25 -21.93 -22.42
C LEU A 145 12.06 -23.43 -22.23
N GLU A 146 13.05 -24.07 -21.64
CA GLU A 146 12.98 -25.51 -21.43
C GLU A 146 12.17 -25.81 -20.17
N GLN A 147 11.77 -27.07 -20.01
CA GLN A 147 10.97 -27.49 -18.86
C GLN A 147 11.70 -27.18 -17.55
N GLU A 148 13.02 -27.28 -17.58
CA GLU A 148 13.85 -26.95 -16.41
C GLU A 148 13.78 -25.48 -16.05
N ASP A 149 13.63 -24.63 -17.05
CA ASP A 149 13.56 -23.18 -16.84
C ASP A 149 12.22 -22.73 -16.28
N LEU A 150 11.21 -23.60 -16.38
CA LEU A 150 9.83 -23.19 -16.08
C LEU A 150 9.20 -23.84 -14.86
N VAL A 151 8.35 -23.05 -14.21
CA VAL A 151 7.41 -23.56 -13.23
C VAL A 151 6.01 -23.12 -13.69
N GLU A 152 5.27 -24.05 -14.29
CA GLU A 152 3.93 -23.75 -14.75
C GLU A 152 2.97 -23.94 -13.57
N ALA A 153 2.86 -22.88 -12.77
CA ALA A 153 2.20 -22.93 -11.48
C ALA A 153 0.73 -23.35 -11.56
N HIS A 154 0.07 -22.98 -12.65
CA HIS A 154 -1.36 -23.25 -12.79
C HIS A 154 -1.63 -24.26 -13.91
N GLY A 155 -0.62 -25.06 -14.21
CA GLY A 155 -0.76 -26.12 -15.19
C GLY A 155 -0.71 -25.65 -16.63
N THR A 156 -1.35 -26.41 -17.52
CA THR A 156 -1.26 -26.15 -18.94
C THR A 156 -2.43 -26.73 -19.72
N PHE A 157 -2.75 -26.10 -20.85
CA PHE A 157 -3.80 -26.59 -21.74
C PHE A 157 -3.22 -27.66 -22.67
N TYR A 158 -1.89 -27.78 -22.68
CA TYR A 158 -1.18 -28.61 -23.65
C TYR A 158 -1.58 -30.08 -23.56
N THR A 159 -1.65 -30.61 -22.35
CA THR A 159 -2.07 -31.99 -22.15
C THR A 159 -3.35 -32.04 -21.34
N SER A 160 -4.07 -33.16 -21.41
CA SER A 160 -5.34 -33.30 -20.72
C SER A 160 -5.43 -34.68 -20.09
N HIS A 161 -6.26 -34.82 -19.05
CA HIS A 161 -6.46 -36.10 -18.42
C HIS A 161 -7.91 -36.37 -18.03
N CYS A 162 -8.31 -37.62 -18.22
CA CYS A 162 -9.56 -38.13 -17.69
C CYS A 162 -9.60 -37.94 -16.17
N VAL A 163 -10.75 -37.54 -15.64
CA VAL A 163 -10.86 -37.22 -14.23
C VAL A 163 -11.00 -38.46 -13.34
N SER A 164 -11.18 -39.63 -13.94
CA SER A 164 -11.31 -40.86 -13.17
C SER A 164 -9.96 -41.25 -12.56
N ALA A 165 -9.94 -41.39 -11.24
CA ALA A 165 -8.72 -41.73 -10.50
C ALA A 165 -8.13 -43.06 -10.93
N SER A 166 -8.98 -44.02 -11.27
CA SER A 166 -8.52 -45.35 -11.65
C SER A 166 -8.09 -45.45 -13.11
N CYS A 167 -8.37 -44.42 -13.90
CA CYS A 167 -8.04 -44.47 -15.32
C CYS A 167 -6.97 -43.44 -15.67
N ARG A 168 -7.27 -42.17 -15.40
CA ARG A 168 -6.31 -41.07 -15.59
C ARG A 168 -5.68 -41.05 -16.98
N HIS A 169 -6.48 -41.41 -17.98
CA HIS A 169 -6.03 -41.47 -19.37
C HIS A 169 -5.59 -40.10 -19.89
N GLU A 170 -4.41 -40.04 -20.50
CA GLU A 170 -3.91 -38.80 -21.08
C GLU A 170 -4.40 -38.57 -22.50
N TYR A 171 -4.68 -37.32 -22.84
CA TYR A 171 -5.08 -36.93 -24.18
C TYR A 171 -4.32 -35.68 -24.65
N PRO A 172 -3.80 -35.72 -25.88
CA PRO A 172 -3.03 -34.64 -26.50
C PRO A 172 -3.91 -33.45 -26.86
N LEU A 173 -3.27 -32.31 -27.17
CA LEU A 173 -3.99 -31.08 -27.50
C LEU A 173 -4.87 -31.20 -28.75
N SER A 174 -4.45 -32.02 -29.71
CA SER A 174 -5.21 -32.18 -30.95
C SER A 174 -6.57 -32.85 -30.71
N TRP A 175 -6.57 -33.90 -29.91
CA TRP A 175 -7.78 -34.60 -29.52
C TRP A 175 -8.75 -33.64 -28.85
N MET A 176 -8.23 -32.92 -27.85
CA MET A 176 -9.02 -31.93 -27.11
C MET A 176 -9.56 -30.83 -28.02
N LYS A 177 -8.76 -30.36 -28.98
CA LYS A 177 -9.20 -29.29 -29.87
C LYS A 177 -10.29 -29.82 -30.80
N GLU A 178 -10.18 -31.08 -31.22
CA GLU A 178 -11.22 -31.65 -32.07
C GLU A 178 -12.53 -31.77 -31.29
N LYS A 179 -12.43 -32.20 -30.04
CA LYS A 179 -13.61 -32.25 -29.16
C LYS A 179 -14.25 -30.88 -28.98
N ILE A 180 -13.43 -29.89 -28.65
CA ILE A 180 -13.87 -28.53 -28.37
C ILE A 180 -14.53 -27.88 -29.58
N PHE A 181 -13.91 -28.05 -30.75
CA PHE A 181 -14.43 -27.41 -31.96
C PHE A 181 -15.64 -28.15 -32.54
N SER A 182 -15.82 -29.41 -32.16
CA SER A 182 -17.01 -30.15 -32.56
C SER A 182 -18.13 -29.93 -31.55
N GLU A 183 -17.85 -29.09 -30.56
CA GLU A 183 -18.80 -28.74 -29.51
C GLU A 183 -19.31 -29.98 -28.79
N VAL A 184 -18.43 -30.97 -28.68
CA VAL A 184 -18.71 -32.17 -27.91
C VAL A 184 -17.90 -32.12 -26.62
N THR A 185 -18.57 -32.27 -25.48
CA THR A 185 -17.87 -32.29 -24.20
C THR A 185 -16.93 -33.48 -24.19
N PRO A 186 -15.63 -33.22 -24.01
CA PRO A 186 -14.61 -34.29 -24.08
C PRO A 186 -14.84 -35.35 -23.01
N LYS A 187 -15.06 -36.58 -23.47
CA LYS A 187 -15.22 -37.72 -22.58
C LYS A 187 -14.14 -38.75 -22.90
N CYS A 188 -13.68 -39.46 -21.88
CA CYS A 188 -12.67 -40.50 -22.06
C CYS A 188 -13.22 -41.61 -22.95
N GLU A 189 -12.48 -41.98 -23.99
CA GLU A 189 -12.95 -42.99 -24.93
C GLU A 189 -12.94 -44.38 -24.29
N ASP A 190 -12.27 -44.50 -23.15
CA ASP A 190 -12.24 -45.76 -22.42
C ASP A 190 -13.28 -45.83 -21.29
N CYS A 191 -13.11 -44.99 -20.27
CA CYS A 191 -13.95 -45.11 -19.07
C CYS A 191 -15.09 -44.10 -19.06
N GLN A 192 -15.17 -43.29 -20.11
CA GLN A 192 -16.28 -42.36 -20.34
C GLN A 192 -16.35 -41.18 -19.37
N SER A 193 -15.36 -41.05 -18.49
CA SER A 193 -15.32 -39.91 -17.58
C SER A 193 -14.96 -38.61 -18.30
N LEU A 194 -15.30 -37.49 -17.67
CA LEU A 194 -14.95 -36.17 -18.18
C LEU A 194 -13.44 -36.04 -18.37
N VAL A 195 -13.04 -35.41 -19.48
CA VAL A 195 -11.63 -35.15 -19.71
C VAL A 195 -11.34 -33.67 -19.49
N LYS A 196 -10.41 -33.40 -18.59
CA LYS A 196 -10.11 -32.04 -18.15
C LYS A 196 -8.69 -31.65 -18.56
N PRO A 197 -8.53 -30.46 -19.14
CA PRO A 197 -7.19 -29.94 -19.42
C PRO A 197 -6.37 -29.89 -18.14
N ASP A 198 -5.05 -30.09 -18.24
CA ASP A 198 -4.20 -30.12 -17.07
C ASP A 198 -3.98 -28.72 -16.46
N ILE A 199 -5.06 -27.94 -16.42
CA ILE A 199 -5.07 -26.64 -15.78
C ILE A 199 -5.41 -26.80 -14.30
N VAL A 200 -4.72 -26.04 -13.44
CA VAL A 200 -5.12 -25.95 -12.05
C VAL A 200 -6.31 -25.00 -11.92
N PHE A 201 -7.49 -25.57 -11.71
CA PHE A 201 -8.69 -24.78 -11.47
C PHE A 201 -8.66 -24.21 -10.07
N PHE A 202 -9.40 -23.12 -9.85
CA PHE A 202 -9.60 -22.61 -8.50
C PHE A 202 -10.15 -23.72 -7.61
N GLY A 203 -9.56 -23.90 -6.44
CA GLY A 203 -9.95 -24.97 -5.54
C GLY A 203 -9.09 -26.22 -5.66
N GLU A 204 -8.25 -26.27 -6.69
CA GLU A 204 -7.31 -27.39 -6.84
C GLU A 204 -5.95 -27.04 -6.28
N SER A 205 -5.15 -28.06 -6.00
CA SER A 205 -3.80 -27.87 -5.47
C SER A 205 -2.81 -27.57 -6.59
N LEU A 206 -1.86 -26.69 -6.30
CA LEU A 206 -0.78 -26.41 -7.22
C LEU A 206 0.15 -27.62 -7.27
N PRO A 207 0.89 -27.79 -8.37
CA PRO A 207 1.82 -28.93 -8.45
C PRO A 207 2.93 -28.85 -7.42
N ALA A 208 3.49 -29.99 -7.04
CA ALA A 208 4.54 -30.06 -6.03
C ALA A 208 5.79 -29.29 -6.48
N ARG A 209 6.03 -29.33 -7.79
CA ARG A 209 7.16 -28.63 -8.39
C ARG A 209 7.17 -27.14 -8.01
N PHE A 210 5.98 -26.56 -7.95
CA PHE A 210 5.84 -25.16 -7.53
C PHE A 210 6.50 -24.92 -6.17
N PHE A 211 6.09 -25.71 -5.18
CA PHE A 211 6.58 -25.53 -3.83
C PHE A 211 8.06 -25.93 -3.66
N SER A 212 8.48 -27.03 -4.28
CA SER A 212 9.88 -27.44 -4.16
C SER A 212 10.81 -26.40 -4.80
N CYS A 213 10.48 -26.02 -6.04
CA CYS A 213 11.24 -25.01 -6.75
C CYS A 213 11.23 -23.69 -5.98
N MET A 214 10.10 -23.34 -5.39
CA MET A 214 10.02 -22.12 -4.60
C MET A 214 10.96 -22.19 -3.41
N GLN A 215 11.02 -23.36 -2.78
CA GLN A 215 11.89 -23.58 -1.63
C GLN A 215 13.37 -23.52 -2.00
N SER A 216 13.70 -23.88 -3.24
CA SER A 216 15.10 -23.84 -3.66
C SER A 216 15.59 -22.53 -4.29
N ASP A 217 14.77 -21.94 -5.16
CA ASP A 217 15.20 -20.84 -6.02
C ASP A 217 15.35 -19.48 -5.34
N PHE A 218 14.44 -19.17 -4.42
CA PHE A 218 14.31 -17.79 -3.93
C PHE A 218 15.37 -17.41 -2.92
N LEU A 219 16.09 -18.38 -2.37
CA LEU A 219 17.17 -18.06 -1.46
C LEU A 219 18.40 -17.55 -2.21
N LYS A 220 18.38 -17.70 -3.54
CA LYS A 220 19.50 -17.23 -4.35
C LYS A 220 19.12 -16.30 -5.50
N VAL A 221 17.91 -15.75 -5.48
CA VAL A 221 17.49 -14.82 -6.53
C VAL A 221 18.07 -13.42 -6.31
N ASP A 222 18.63 -12.84 -7.37
CA ASP A 222 19.23 -11.51 -7.28
C ASP A 222 18.30 -10.41 -7.83
N LEU A 223 17.29 -10.80 -8.58
CA LEU A 223 16.35 -9.85 -9.16
C LEU A 223 15.02 -10.52 -9.48
N LEU A 224 13.93 -9.90 -9.02
CA LEU A 224 12.59 -10.38 -9.34
C LEU A 224 11.94 -9.51 -10.41
N LEU A 225 11.60 -10.13 -11.54
CA LEU A 225 10.93 -9.42 -12.62
C LEU A 225 9.49 -9.90 -12.75
N VAL A 226 8.54 -9.04 -12.37
CA VAL A 226 7.13 -9.38 -12.36
C VAL A 226 6.43 -8.68 -13.52
N MET A 227 5.81 -9.46 -14.40
CA MET A 227 5.25 -8.91 -15.63
C MET A 227 3.83 -9.39 -15.91
N GLY A 228 2.94 -8.44 -16.19
CA GLY A 228 1.59 -8.75 -16.65
C GLY A 228 0.73 -9.57 -15.72
N THR A 229 0.74 -9.22 -14.43
CA THR A 229 -0.16 -9.87 -13.47
C THR A 229 -0.66 -8.88 -12.43
N SER A 230 -1.89 -9.08 -11.98
CA SER A 230 -2.49 -8.22 -10.96
C SER A 230 -2.15 -8.70 -9.55
N LEU A 231 -1.50 -9.86 -9.47
CA LEU A 231 -1.08 -10.45 -8.20
C LEU A 231 -2.26 -10.61 -7.23
N GLN A 232 -3.36 -11.18 -7.72
N GLN A 232 -3.35 -11.19 -7.73
CA GLN A 232 -4.54 -11.40 -6.90
CA GLN A 232 -4.55 -11.40 -6.92
C GLN A 232 -4.73 -12.87 -6.54
C GLN A 232 -4.68 -12.87 -6.52
N VAL A 233 -4.24 -13.76 -7.41
CA VAL A 233 -4.42 -15.19 -7.21
C VAL A 233 -3.35 -15.75 -6.27
N GLN A 234 -3.81 -16.54 -5.29
CA GLN A 234 -2.93 -17.12 -4.29
C GLN A 234 -2.82 -18.62 -4.51
N PRO A 235 -1.71 -19.24 -4.09
CA PRO A 235 -0.55 -18.65 -3.39
C PRO A 235 0.50 -18.01 -4.31
N PHE A 236 0.25 -17.93 -5.61
CA PHE A 236 1.25 -17.41 -6.55
C PHE A 236 1.73 -16.00 -6.17
N ALA A 237 0.81 -15.10 -5.88
CA ALA A 237 1.17 -13.71 -5.59
C ALA A 237 2.21 -13.63 -4.45
N SER A 238 2.00 -14.47 -3.45
CA SER A 238 2.83 -14.42 -2.24
C SER A 238 4.28 -14.77 -2.55
N LEU A 239 4.53 -15.25 -3.77
CA LEU A 239 5.90 -15.48 -4.21
C LEU A 239 6.74 -14.21 -4.06
N ILE A 240 6.11 -13.05 -4.22
CA ILE A 240 6.88 -11.81 -4.16
C ILE A 240 7.48 -11.61 -2.76
N SER A 241 6.83 -12.20 -1.76
CA SER A 241 7.28 -12.06 -0.37
C SER A 241 8.33 -13.13 -0.02
N LYS A 242 8.63 -14.00 -0.98
CA LYS A 242 9.55 -15.11 -0.74
C LYS A 242 11.00 -14.70 -1.01
N ALA A 243 11.16 -13.61 -1.77
CA ALA A 243 12.49 -13.10 -2.09
C ALA A 243 13.17 -12.51 -0.86
N PRO A 244 14.51 -12.56 -0.81
CA PRO A 244 15.27 -11.84 0.22
C PRO A 244 14.90 -10.36 0.24
N LEU A 245 14.98 -9.73 1.40
CA LEU A 245 14.54 -8.35 1.55
C LEU A 245 15.39 -7.35 0.76
N SER A 246 16.58 -7.77 0.37
CA SER A 246 17.47 -6.89 -0.40
C SER A 246 17.30 -7.07 -1.91
N THR A 247 16.55 -8.09 -2.32
CA THR A 247 16.36 -8.38 -3.73
C THR A 247 15.44 -7.38 -4.40
N PRO A 248 15.96 -6.65 -5.41
CA PRO A 248 15.16 -5.68 -6.14
C PRO A 248 14.01 -6.35 -6.91
N ARG A 249 12.87 -5.67 -6.95
CA ARG A 249 11.69 -6.19 -7.62
C ARG A 249 11.11 -5.17 -8.59
N LEU A 250 11.10 -5.53 -9.87
CA LEU A 250 10.59 -4.65 -10.92
C LEU A 250 9.26 -5.13 -11.46
N LEU A 251 8.24 -4.28 -11.38
CA LEU A 251 6.95 -4.59 -11.98
C LEU A 251 6.79 -3.91 -13.33
N ILE A 252 6.53 -4.70 -14.36
CA ILE A 252 6.16 -4.19 -15.67
C ILE A 252 4.72 -4.58 -15.94
N ASN A 253 3.83 -3.60 -15.88
CA ASN A 253 2.40 -3.85 -15.89
C ASN A 253 1.65 -2.57 -16.22
N LYS A 254 0.43 -2.70 -16.72
CA LYS A 254 -0.35 -1.52 -17.09
C LYS A 254 -0.71 -0.68 -15.87
N GLU A 255 -0.85 -1.34 -14.73
CA GLU A 255 -1.11 -0.63 -13.48
C GLU A 255 -0.31 -1.25 -12.33
N LYS A 256 -0.20 -0.50 -11.24
CA LYS A 256 0.51 -0.97 -10.05
C LYS A 256 -0.22 -2.15 -9.41
N ALA A 257 0.54 -3.12 -8.93
CA ALA A 257 -0.03 -4.31 -8.29
C ALA A 257 0.86 -4.79 -7.15
N GLY A 258 0.29 -5.60 -6.27
CA GLY A 258 1.04 -6.26 -5.22
C GLY A 258 1.21 -5.41 -3.98
N GLN A 259 0.53 -4.27 -3.93
CA GLN A 259 0.58 -3.39 -2.76
C GLN A 259 -0.36 -3.90 -1.67
N GLY A 272 5.30 -7.48 3.32
CA GLY A 272 6.28 -7.85 2.30
C GLY A 272 5.76 -7.63 0.89
N GLY A 273 4.65 -6.91 0.78
CA GLY A 273 4.09 -6.59 -0.53
C GLY A 273 4.92 -5.52 -1.21
N MET A 274 4.53 -5.15 -2.43
CA MET A 274 5.26 -4.12 -3.16
C MET A 274 5.11 -2.77 -2.51
N ASP A 275 6.20 -2.01 -2.45
CA ASP A 275 6.18 -0.64 -1.94
C ASP A 275 6.90 0.28 -2.91
N PHE A 276 6.15 0.83 -3.85
CA PHE A 276 6.71 1.72 -4.87
C PHE A 276 6.84 3.18 -4.42
N ASP A 277 5.88 3.65 -3.63
CA ASP A 277 5.74 5.10 -3.42
C ASP A 277 5.87 5.63 -1.99
N SER A 278 5.84 4.75 -0.99
CA SER A 278 5.96 5.24 0.39
C SER A 278 7.38 5.74 0.63
N LYS A 279 7.58 6.43 1.75
CA LYS A 279 8.90 6.95 2.09
C LYS A 279 9.88 5.81 2.36
N LYS A 280 9.34 4.64 2.67
CA LYS A 280 10.14 3.46 2.97
C LYS A 280 10.50 2.64 1.74
N ALA A 281 10.09 3.12 0.56
CA ALA A 281 10.43 2.43 -0.68
C ALA A 281 11.95 2.40 -0.86
N TYR A 282 12.49 1.23 -1.16
CA TYR A 282 13.95 1.10 -1.25
C TYR A 282 14.42 0.11 -2.31
N ARG A 283 13.50 -0.68 -2.87
CA ARG A 283 13.91 -1.74 -3.79
C ARG A 283 12.88 -2.06 -4.88
N ASP A 284 11.68 -1.51 -4.77
CA ASP A 284 10.61 -1.84 -5.72
C ASP A 284 10.43 -0.77 -6.78
N VAL A 285 10.32 -1.21 -8.03
CA VAL A 285 10.17 -0.29 -9.17
C VAL A 285 8.95 -0.67 -10.00
N ALA A 286 8.11 0.31 -10.30
CA ALA A 286 6.95 0.08 -11.15
C ALA A 286 7.10 0.80 -12.49
N TRP A 287 7.17 0.03 -13.57
CA TRP A 287 7.17 0.59 -14.91
C TRP A 287 5.80 0.34 -15.52
N LEU A 288 5.05 1.42 -15.73
CA LEU A 288 3.65 1.27 -16.13
C LEU A 288 3.47 1.45 -17.64
N GLY A 289 2.86 0.46 -18.26
CA GLY A 289 2.68 0.45 -19.70
C GLY A 289 2.52 -0.97 -20.21
N GLU A 290 2.63 -1.14 -21.52
CA GLU A 290 2.54 -2.45 -22.14
C GLU A 290 3.79 -3.28 -21.82
N CYS A 291 3.61 -4.57 -21.57
CA CYS A 291 4.73 -5.45 -21.25
C CYS A 291 5.78 -5.48 -22.36
N ASP A 292 5.33 -5.58 -23.60
CA ASP A 292 6.23 -5.61 -24.74
C ASP A 292 7.09 -4.35 -24.80
N GLN A 293 6.46 -3.20 -24.56
CA GLN A 293 7.16 -1.93 -24.59
C GLN A 293 8.16 -1.80 -23.44
N GLY A 294 7.78 -2.32 -22.28
CA GLY A 294 8.65 -2.32 -21.12
C GLY A 294 9.88 -3.17 -21.35
N CYS A 295 9.68 -4.35 -21.92
CA CYS A 295 10.77 -5.26 -22.23
C CYS A 295 11.67 -4.68 -23.31
N LEU A 296 11.08 -4.00 -24.30
CA LEU A 296 11.86 -3.31 -25.31
C LEU A 296 12.73 -2.20 -24.69
N ALA A 297 12.14 -1.42 -23.79
CA ALA A 297 12.86 -0.34 -23.13
C ALA A 297 14.02 -0.87 -22.28
N LEU A 298 13.75 -1.92 -21.51
CA LEU A 298 14.76 -2.52 -20.66
C LEU A 298 15.89 -3.12 -21.51
N ALA A 299 15.51 -3.80 -22.58
CA ALA A 299 16.48 -4.37 -23.51
C ALA A 299 17.35 -3.27 -24.11
N GLU A 300 16.73 -2.14 -24.45
CA GLU A 300 17.45 -1.00 -25.00
C GLU A 300 18.47 -0.47 -23.99
N LEU A 301 18.04 -0.29 -22.75
CA LEU A 301 18.92 0.19 -21.70
C LEU A 301 20.13 -0.73 -21.49
N LEU A 302 19.95 -2.01 -21.80
CA LEU A 302 21.02 -3.00 -21.64
C LEU A 302 21.82 -3.17 -22.92
N GLY A 303 21.38 -2.53 -24.00
CA GLY A 303 22.01 -2.70 -25.29
C GLY A 303 21.64 -4.02 -25.95
N TRP A 304 20.44 -4.51 -25.65
CA TRP A 304 19.99 -5.80 -26.16
C TRP A 304 18.87 -5.70 -27.19
N LYS A 305 18.50 -4.48 -27.58
CA LYS A 305 17.28 -4.28 -28.36
C LYS A 305 17.35 -4.98 -29.72
N LYS A 306 18.46 -4.79 -30.42
CA LYS A 306 18.68 -5.44 -31.71
C LYS A 306 18.60 -6.95 -31.59
N GLU A 307 19.29 -7.49 -30.58
CA GLU A 307 19.28 -8.92 -30.32
C GLU A 307 17.87 -9.45 -30.10
N LEU A 308 17.11 -8.73 -29.28
CA LEU A 308 15.74 -9.10 -28.97
C LEU A 308 14.87 -9.10 -30.22
N GLU A 309 14.98 -8.05 -31.02
CA GLU A 309 14.17 -7.90 -32.22
C GLU A 309 14.50 -9.00 -33.23
N ASP A 310 15.79 -9.30 -33.37
CA ASP A 310 16.24 -10.39 -34.23
C ASP A 310 15.68 -11.74 -33.75
N LEU A 311 15.75 -11.96 -32.45
CA LEU A 311 15.24 -13.20 -31.85
C LEU A 311 13.75 -13.36 -32.16
N VAL A 312 12.98 -12.31 -31.88
CA VAL A 312 11.54 -12.33 -32.12
C VAL A 312 11.23 -12.60 -33.60
N ARG A 313 11.89 -11.88 -34.50
CA ARG A 313 11.59 -12.01 -35.92
C ARG A 313 11.97 -13.40 -36.46
N ARG A 314 13.14 -13.89 -36.04
CA ARG A 314 13.60 -15.22 -36.43
C ARG A 314 12.66 -16.32 -35.94
N GLU A 315 12.27 -16.25 -34.68
CA GLU A 315 11.42 -17.28 -34.10
C GLU A 315 10.01 -17.24 -34.70
N HIS A 316 9.47 -16.03 -34.87
CA HIS A 316 8.19 -15.86 -35.53
C HIS A 316 8.22 -16.42 -36.94
N ALA A 317 9.31 -16.17 -37.65
CA ALA A 317 9.46 -16.66 -39.02
C ALA A 317 9.50 -18.18 -39.03
N SER A 318 10.24 -18.76 -38.09
CA SER A 318 10.32 -20.21 -37.96
C SER A 318 8.95 -20.82 -37.68
N ILE A 319 8.18 -20.18 -36.80
CA ILE A 319 6.83 -20.64 -36.49
C ILE A 319 5.91 -20.56 -37.71
N ASP A 320 5.97 -19.44 -38.42
CA ASP A 320 5.15 -19.22 -39.61
C ASP A 320 5.48 -20.23 -40.71
N ALA A 321 6.76 -20.62 -40.78
CA ALA A 321 7.22 -21.59 -41.77
C ALA A 321 6.67 -22.98 -41.47
N GLN A 322 6.25 -23.20 -40.23
CA GLN A 322 5.68 -24.47 -39.79
C GLN A 322 6.57 -25.66 -40.14
N GLN B 21 13.12 25.44 40.35
CA GLN B 21 12.33 26.67 40.45
C GLN B 21 12.15 27.33 39.09
N LYS B 22 11.62 28.56 39.10
CA LYS B 22 11.24 29.24 37.87
C LYS B 22 12.35 30.07 37.21
N GLU B 23 13.40 29.40 36.74
CA GLU B 23 14.44 30.13 36.02
C GLU B 23 13.85 30.70 34.73
N ARG B 24 14.24 31.92 34.39
CA ARG B 24 13.77 32.55 33.16
C ARG B 24 14.79 32.36 32.04
N LEU B 25 14.40 31.64 31.00
CA LEU B 25 15.33 31.29 29.92
C LEU B 25 15.14 32.16 28.68
N LEU B 26 13.93 32.69 28.48
CA LEU B 26 13.68 33.61 27.38
C LEU B 26 14.07 35.03 27.77
N ASP B 27 14.73 35.74 26.87
CA ASP B 27 15.08 37.13 27.13
C ASP B 27 13.83 38.01 27.06
N GLU B 28 13.00 37.76 26.05
CA GLU B 28 11.71 38.42 25.94
C GLU B 28 10.64 37.39 25.57
N LEU B 29 9.40 37.65 26.00
CA LEU B 29 8.31 36.73 25.74
C LEU B 29 7.69 36.97 24.37
N THR B 30 8.48 36.70 23.33
CA THR B 30 8.08 36.93 21.95
C THR B 30 8.52 35.76 21.09
N LEU B 31 8.00 35.68 19.86
CA LEU B 31 8.46 34.67 18.92
C LEU B 31 9.95 34.86 18.63
N GLU B 32 10.39 36.11 18.60
CA GLU B 32 11.80 36.42 18.43
C GLU B 32 12.64 35.86 19.57
N GLY B 33 12.17 36.06 20.80
CA GLY B 33 12.82 35.53 21.98
C GLY B 33 12.91 34.02 21.93
N VAL B 34 11.82 33.38 21.49
CA VAL B 34 11.79 31.92 21.36
C VAL B 34 12.81 31.46 20.33
N ALA B 35 12.89 32.18 19.21
CA ALA B 35 13.86 31.83 18.16
C ALA B 35 15.30 31.95 18.67
N ARG B 36 15.59 33.05 19.35
CA ARG B 36 16.92 33.28 19.91
C ARG B 36 17.26 32.18 20.92
N TYR B 37 16.28 31.78 21.72
CA TYR B 37 16.45 30.68 22.66
C TYR B 37 16.74 29.36 21.93
N MET B 38 16.02 29.14 20.83
CA MET B 38 16.20 27.92 20.04
C MET B 38 17.58 27.87 19.39
N GLN B 39 18.14 29.03 19.11
CA GLN B 39 19.47 29.10 18.51
C GLN B 39 20.58 28.89 19.54
N SER B 40 20.23 28.94 20.82
CA SER B 40 21.22 28.76 21.88
C SER B 40 21.44 27.28 22.19
N GLU B 41 22.58 26.96 22.80
CA GLU B 41 22.89 25.57 23.14
C GLU B 41 22.03 24.98 24.25
N ARG B 42 21.38 25.84 25.02
CA ARG B 42 20.50 25.35 26.08
C ARG B 42 19.28 24.62 25.50
N CYS B 43 18.90 24.99 24.27
CA CYS B 43 17.74 24.40 23.63
C CYS B 43 18.15 23.26 22.70
N ARG B 44 18.06 22.03 23.20
CA ARG B 44 18.51 20.87 22.46
C ARG B 44 17.35 19.97 22.06
N ARG B 45 16.32 19.95 22.89
CA ARG B 45 15.22 19.01 22.74
C ARG B 45 13.86 19.71 22.77
N VAL B 46 13.14 19.61 21.66
CA VAL B 46 11.84 20.24 21.51
C VAL B 46 10.72 19.20 21.46
N ILE B 47 9.65 19.42 22.22
CA ILE B 47 8.47 18.57 22.12
C ILE B 47 7.32 19.34 21.50
N CYS B 48 6.72 18.77 20.45
CA CYS B 48 5.54 19.39 19.85
C CYS B 48 4.26 18.70 20.31
N LEU B 49 3.28 19.51 20.71
CA LEU B 49 1.93 19.03 20.96
C LEU B 49 1.00 19.66 19.93
N VAL B 50 0.37 18.83 19.11
CA VAL B 50 -0.45 19.36 18.02
C VAL B 50 -1.85 18.78 18.01
N GLY B 51 -2.77 19.52 17.40
CA GLY B 51 -4.14 19.09 17.29
C GLY B 51 -4.71 19.38 15.90
N ALA B 52 -6.04 19.44 15.82
CA ALA B 52 -6.73 19.51 14.54
C ALA B 52 -6.43 20.81 13.78
N GLY B 53 -6.02 21.83 14.52
CA GLY B 53 -5.70 23.12 13.92
C GLY B 53 -4.56 23.11 12.92
N ILE B 54 -3.70 22.10 12.99
CA ILE B 54 -2.56 22.01 12.06
C ILE B 54 -2.94 21.28 10.76
N SER B 55 -4.18 20.81 10.67
CA SER B 55 -4.62 20.11 9.47
C SER B 55 -5.81 20.79 8.77
N THR B 56 -6.33 21.87 9.35
CA THR B 56 -7.45 22.57 8.75
C THR B 56 -7.10 23.20 7.40
N SER B 57 -5.85 23.64 7.26
CA SER B 57 -5.41 24.23 6.00
C SER B 57 -5.23 23.14 4.95
N ALA B 58 -5.20 21.89 5.37
CA ALA B 58 -5.13 20.76 4.46
C ALA B 58 -6.52 20.37 3.97
N GLY B 59 -7.55 20.93 4.59
CA GLY B 59 -8.92 20.66 4.17
C GLY B 59 -9.71 19.83 5.15
N ILE B 60 -9.09 19.48 6.28
CA ILE B 60 -9.76 18.69 7.30
C ILE B 60 -10.27 19.59 8.42
N PRO B 61 -11.59 19.67 8.59
CA PRO B 61 -12.19 20.54 9.59
C PRO B 61 -11.85 20.12 11.01
N ASP B 62 -11.84 21.06 11.94
CA ASP B 62 -11.63 20.74 13.33
C ASP B 62 -12.99 20.54 14.02
N PHE B 63 -12.98 20.57 15.34
CA PHE B 63 -14.21 20.47 16.12
C PHE B 63 -14.86 21.83 16.35
N ARG B 64 -14.10 22.70 17.01
CA ARG B 64 -14.62 23.89 17.66
C ARG B 64 -14.81 25.15 16.81
N SER B 65 -14.12 25.25 15.68
CA SER B 65 -14.16 26.48 14.87
C SER B 65 -15.58 26.79 14.41
N PRO B 66 -16.04 28.03 14.63
CA PRO B 66 -17.38 28.47 14.24
C PRO B 66 -17.65 28.26 12.75
N SER B 67 -18.86 27.83 12.43
CA SER B 67 -19.31 27.61 11.05
C SER B 67 -18.57 26.47 10.33
N THR B 68 -17.25 26.45 10.43
CA THR B 68 -16.44 25.47 9.71
C THR B 68 -16.24 24.17 10.46
N GLY B 69 -16.18 24.24 11.78
CA GLY B 69 -15.95 23.08 12.62
C GLY B 69 -17.03 22.02 12.53
N LEU B 70 -16.64 20.77 12.76
CA LEU B 70 -17.56 19.63 12.71
C LEU B 70 -18.76 19.82 13.64
N TYR B 71 -18.53 20.36 14.83
CA TYR B 71 -19.59 20.50 15.82
C TYR B 71 -20.68 21.48 15.37
N ASP B 72 -20.39 22.25 14.34
CA ASP B 72 -21.37 23.16 13.76
C ASP B 72 -22.00 22.60 12.48
N ASN B 73 -21.65 21.36 12.14
CA ASN B 73 -22.10 20.78 10.88
C ASN B 73 -22.51 19.31 10.96
N LEU B 74 -23.08 18.90 12.09
CA LEU B 74 -23.48 17.51 12.29
C LEU B 74 -24.99 17.31 12.45
N GLU B 75 -25.76 18.35 12.11
CA GLU B 75 -27.21 18.33 12.29
C GLU B 75 -27.92 17.18 11.55
N LYS B 76 -27.47 16.86 10.35
CA LYS B 76 -28.14 15.89 9.51
C LYS B 76 -28.04 14.44 10.02
N TYR B 77 -27.24 14.24 11.06
CA TYR B 77 -27.03 12.90 11.60
C TYR B 77 -27.94 12.60 12.79
N HIS B 78 -28.72 13.60 13.18
CA HIS B 78 -29.63 13.52 14.32
C HIS B 78 -29.05 12.84 15.55
N LEU B 79 -27.91 13.37 16.02
CA LEU B 79 -27.29 12.94 17.25
C LEU B 79 -27.93 13.68 18.43
N PRO B 80 -27.90 13.08 19.62
CA PRO B 80 -28.34 13.80 20.82
C PRO B 80 -27.53 15.08 21.02
N TYR B 81 -26.29 15.04 20.56
CA TYR B 81 -25.37 16.19 20.58
C TYR B 81 -24.19 15.83 19.68
N PRO B 82 -23.47 16.85 19.17
CA PRO B 82 -22.41 16.57 18.18
C PRO B 82 -21.35 15.56 18.64
N GLU B 83 -20.73 15.81 19.79
CA GLU B 83 -19.61 14.97 20.26
C GLU B 83 -19.99 13.50 20.40
N ALA B 84 -21.29 13.22 20.44
CA ALA B 84 -21.79 11.85 20.55
C ALA B 84 -21.30 10.99 19.39
N ILE B 85 -21.07 11.61 18.23
CA ILE B 85 -20.63 10.86 17.06
C ILE B 85 -19.21 10.30 17.27
N PHE B 86 -18.50 10.84 18.25
CA PHE B 86 -17.14 10.37 18.55
C PHE B 86 -17.03 9.71 19.93
N GLU B 87 -18.16 9.31 20.50
CA GLU B 87 -18.15 8.60 21.78
C GLU B 87 -18.33 7.11 21.56
N ILE B 88 -17.52 6.30 22.26
CA ILE B 88 -17.45 4.87 22.01
C ILE B 88 -18.77 4.15 22.33
N SER B 89 -19.40 4.55 23.44
CA SER B 89 -20.68 3.97 23.85
C SER B 89 -21.73 4.17 22.77
N TYR B 90 -21.82 5.41 22.28
CA TYR B 90 -22.77 5.74 21.23
C TYR B 90 -22.40 5.06 19.91
N PHE B 91 -21.11 5.03 19.61
CA PHE B 91 -20.62 4.41 18.37
C PHE B 91 -21.00 2.94 18.28
N LYS B 92 -20.78 2.19 19.37
CA LYS B 92 -21.08 0.77 19.38
C LYS B 92 -22.57 0.53 19.13
N LYS B 93 -23.41 1.41 19.67
CA LYS B 93 -24.86 1.33 19.44
C LYS B 93 -25.26 1.83 18.05
N HIS B 94 -24.71 2.97 17.65
CA HIS B 94 -25.07 3.58 16.38
C HIS B 94 -23.84 4.04 15.59
N PRO B 95 -23.21 3.11 14.86
CA PRO B 95 -22.00 3.42 14.08
C PRO B 95 -22.27 4.18 12.78
N GLU B 96 -23.52 4.13 12.30
CA GLU B 96 -23.86 4.70 11.00
C GLU B 96 -23.49 6.18 10.81
N PRO B 97 -23.79 7.05 11.80
CA PRO B 97 -23.40 8.45 11.61
C PRO B 97 -21.89 8.65 11.42
N PHE B 98 -21.09 7.97 12.25
CA PHE B 98 -19.63 8.08 12.15
C PHE B 98 -19.12 7.70 10.76
N PHE B 99 -19.58 6.56 10.25
CA PHE B 99 -19.10 6.07 8.95
C PHE B 99 -19.64 6.91 7.80
N ALA B 100 -20.82 7.48 7.97
CA ALA B 100 -21.35 8.43 6.98
C ALA B 100 -20.43 9.66 6.93
N LEU B 101 -20.06 10.15 8.11
CA LEU B 101 -19.14 11.27 8.22
C LEU B 101 -17.78 10.93 7.62
N ALA B 102 -17.36 9.68 7.79
CA ALA B 102 -16.10 9.20 7.26
C ALA B 102 -16.15 9.19 5.74
N LYS B 103 -17.30 8.80 5.20
CA LYS B 103 -17.51 8.84 3.75
C LYS B 103 -17.46 10.27 3.24
N GLU B 104 -18.11 11.20 3.95
CA GLU B 104 -18.06 12.60 3.53
C GLU B 104 -16.69 13.19 3.73
N LEU B 105 -16.08 12.88 4.87
CA LEU B 105 -14.80 13.50 5.25
C LEU B 105 -13.63 12.64 4.82
N PRO B 107 -10.91 9.40 1.56
CA PRO B 107 -12.09 10.23 1.84
C PRO B 107 -12.04 11.77 1.62
N GLY B 108 -10.91 12.45 1.38
CA GLY B 108 -9.56 11.90 1.36
C GLY B 108 -8.57 12.75 0.58
N GLN B 109 -7.43 12.14 0.25
CA GLN B 109 -6.36 12.78 -0.51
C GLN B 109 -5.90 14.10 0.14
N PHE B 110 -5.63 14.03 1.43
CA PHE B 110 -5.07 15.14 2.20
C PHE B 110 -3.54 15.09 2.24
N LYS B 111 -2.93 16.23 1.91
CA LYS B 111 -1.48 16.38 1.96
C LYS B 111 -1.08 17.14 3.21
N PRO B 112 0.08 16.79 3.79
CA PRO B 112 0.54 17.47 5.01
C PRO B 112 0.74 18.96 4.78
N THR B 113 0.61 19.75 5.84
CA THR B 113 0.70 21.20 5.75
C THR B 113 2.11 21.69 6.02
N ILE B 114 2.31 22.99 5.84
CA ILE B 114 3.56 23.67 6.14
C ILE B 114 4.00 23.37 7.57
N CYS B 115 3.04 23.29 8.48
CA CYS B 115 3.29 23.00 9.88
C CYS B 115 3.91 21.62 10.10
N HIS B 116 3.30 20.60 9.49
CA HIS B 116 3.83 19.24 9.52
C HIS B 116 5.28 19.20 9.07
N TYR B 117 5.56 19.88 7.97
CA TYR B 117 6.90 19.90 7.40
C TYR B 117 7.84 20.74 8.25
N PHE B 118 7.29 21.64 9.05
CA PHE B 118 8.11 22.37 10.01
C PHE B 118 8.57 21.41 11.10
N MET B 119 7.67 20.52 11.53
CA MET B 119 8.06 19.50 12.50
C MET B 119 9.09 18.55 11.89
N ARG B 120 8.89 18.21 10.62
CA ARG B 120 9.87 17.43 9.87
C ARG B 120 11.23 18.11 9.85
N LEU B 121 11.21 19.43 9.67
CA LEU B 121 12.43 20.22 9.62
C LEU B 121 13.13 20.24 10.98
N LEU B 122 12.33 20.34 12.04
CA LEU B 122 12.85 20.22 13.40
C LEU B 122 13.53 18.88 13.59
N LYS B 123 12.92 17.82 13.05
CA LYS B 123 13.51 16.49 13.11
C LYS B 123 14.84 16.41 12.38
N ASP B 124 14.89 16.93 11.16
CA ASP B 124 16.12 16.87 10.36
C ASP B 124 17.25 17.72 10.93
N LYS B 125 16.90 18.76 11.68
CA LYS B 125 17.90 19.61 12.30
C LYS B 125 18.35 19.06 13.65
N GLY B 126 17.72 17.96 14.08
CA GLY B 126 18.09 17.29 15.31
C GLY B 126 17.55 17.90 16.59
N LEU B 127 16.48 18.68 16.47
CA LEU B 127 15.88 19.34 17.63
C LEU B 127 14.66 18.61 18.18
N LEU B 128 14.03 17.79 17.35
CA LEU B 128 12.77 17.15 17.72
C LEU B 128 12.96 15.93 18.62
N LEU B 129 12.55 16.06 19.88
CA LEU B 129 12.54 14.93 20.80
C LEU B 129 11.32 14.05 20.54
N ARG B 130 10.16 14.69 20.40
CA ARG B 130 8.93 13.94 20.13
C ARG B 130 7.80 14.85 19.67
N CYS B 131 6.94 14.31 18.81
CA CYS B 131 5.68 14.97 18.48
C CYS B 131 4.52 14.18 19.06
N TYR B 132 3.77 14.81 19.97
CA TYR B 132 2.55 14.22 20.49
C TYR B 132 1.37 14.77 19.70
N THR B 133 0.63 13.90 19.03
CA THR B 133 -0.47 14.37 18.20
C THR B 133 -1.82 13.82 18.64
N GLN B 134 -2.83 14.68 18.61
CA GLN B 134 -4.21 14.28 18.86
C GLN B 134 -4.90 13.85 17.58
N ASN B 135 -4.26 14.13 16.45
CA ASN B 135 -4.85 13.90 15.15
C ASN B 135 -4.79 12.43 14.73
N ILE B 136 -5.72 12.05 13.86
CA ILE B 136 -5.82 10.66 13.42
C ILE B 136 -5.61 10.51 11.92
N ASP B 137 -5.16 11.59 11.27
CA ASP B 137 -5.06 11.62 9.81
C ASP B 137 -3.73 11.10 9.25
N THR B 138 -2.82 10.73 10.14
CA THR B 138 -1.50 10.18 9.77
C THR B 138 -0.62 11.14 8.96
N LEU B 139 -0.96 12.42 8.95
CA LEU B 139 -0.22 13.37 8.13
C LEU B 139 1.20 13.59 8.64
N GLU B 140 1.42 13.35 9.94
CA GLU B 140 2.77 13.43 10.50
C GLU B 140 3.68 12.36 9.90
N ARG B 141 3.16 11.14 9.78
CA ARG B 141 3.92 10.06 9.15
C ARG B 141 4.25 10.40 7.70
N ILE B 142 3.26 10.90 6.97
CA ILE B 142 3.41 11.21 5.56
C ILE B 142 4.42 12.34 5.39
N ALA B 143 4.45 13.27 6.35
CA ALA B 143 5.40 14.38 6.31
C ALA B 143 6.83 13.90 6.60
N GLY B 144 6.95 12.68 7.08
CA GLY B 144 8.26 12.07 7.27
C GLY B 144 8.72 11.86 8.71
N LEU B 145 7.84 12.10 9.68
CA LEU B 145 8.15 11.74 11.05
C LEU B 145 8.08 10.23 11.20
N GLU B 146 9.07 9.65 11.86
CA GLU B 146 9.12 8.21 12.03
C GLU B 146 8.23 7.74 13.17
N GLN B 147 8.00 6.44 13.21
CA GLN B 147 7.20 5.81 14.25
C GLN B 147 7.73 6.12 15.63
N GLU B 148 9.06 6.13 15.75
CA GLU B 148 9.73 6.44 17.00
C GLU B 148 9.60 7.92 17.39
N ASP B 149 9.50 8.79 16.39
CA ASP B 149 9.38 10.23 16.65
C ASP B 149 7.99 10.62 17.14
N LEU B 150 7.01 9.73 16.97
CA LEU B 150 5.63 10.10 17.20
C LEU B 150 4.96 9.41 18.38
N VAL B 151 4.05 10.14 19.02
CA VAL B 151 3.09 9.56 19.93
C VAL B 151 1.72 9.95 19.43
N GLU B 152 1.07 8.99 18.76
CA GLU B 152 -0.26 9.20 18.22
C GLU B 152 -1.27 8.91 19.33
N ALA B 153 -1.50 9.93 20.15
CA ALA B 153 -2.24 9.79 21.40
C ALA B 153 -3.65 9.26 21.21
N HIS B 154 -4.28 9.59 20.08
CA HIS B 154 -5.66 9.22 19.87
C HIS B 154 -5.83 8.21 18.73
N GLY B 155 -4.75 7.47 18.45
CA GLY B 155 -4.82 6.41 17.46
C GLY B 155 -4.77 6.89 16.03
N THR B 156 -5.35 6.11 15.13
CA THR B 156 -5.25 6.37 13.69
C THR B 156 -6.40 5.75 12.91
N PHE B 157 -6.73 6.36 11.77
CA PHE B 157 -7.75 5.82 10.87
C PHE B 157 -7.15 4.76 9.96
N TYR B 158 -5.82 4.67 9.96
CA TYR B 158 -5.08 3.86 9.00
C TYR B 158 -5.41 2.37 9.09
N THR B 159 -5.48 1.83 10.30
CA THR B 159 -5.80 0.44 10.50
C THR B 159 -7.11 0.27 11.27
N SER B 160 -7.71 -0.91 11.17
CA SER B 160 -9.00 -1.18 11.80
C SER B 160 -9.04 -2.56 12.42
N HIS B 161 -9.90 -2.74 13.41
CA HIS B 161 -10.05 -4.03 14.07
C HIS B 161 -11.50 -4.36 14.40
N CYS B 162 -11.86 -5.63 14.25
CA CYS B 162 -13.11 -6.15 14.78
C CYS B 162 -13.17 -5.91 16.29
N VAL B 163 -14.33 -5.48 16.78
CA VAL B 163 -14.46 -5.10 18.18
C VAL B 163 -14.61 -6.30 19.14
N SER B 164 -14.82 -7.48 18.58
CA SER B 164 -14.94 -8.67 19.41
C SER B 164 -13.59 -9.06 20.01
N ALA B 165 -13.56 -9.14 21.33
CA ALA B 165 -12.33 -9.47 22.06
C ALA B 165 -11.79 -10.84 21.66
N SER B 166 -12.68 -11.77 21.34
CA SER B 166 -12.30 -13.14 21.01
C SER B 166 -11.83 -13.27 19.56
N CYS B 167 -12.00 -12.23 18.75
CA CYS B 167 -11.62 -12.31 17.35
C CYS B 167 -10.49 -11.34 16.97
N ARG B 168 -10.73 -10.05 17.17
CA ARG B 168 -9.74 -9.00 16.92
C ARG B 168 -9.16 -9.02 15.50
N HIS B 169 -9.99 -9.37 14.52
CA HIS B 169 -9.56 -9.40 13.12
C HIS B 169 -9.15 -8.00 12.64
N GLU B 170 -7.97 -7.90 12.04
CA GLU B 170 -7.49 -6.63 11.50
C GLU B 170 -7.96 -6.46 10.06
N TYR B 171 -8.29 -5.23 9.68
CA TYR B 171 -8.69 -4.91 8.32
C TYR B 171 -7.96 -3.67 7.82
N PRO B 172 -7.41 -3.74 6.59
CA PRO B 172 -6.65 -2.64 5.99
C PRO B 172 -7.52 -1.45 5.60
N LEU B 173 -6.89 -0.33 5.30
CA LEU B 173 -7.60 0.90 4.95
C LEU B 173 -8.46 0.73 3.69
N SER B 174 -7.99 -0.09 2.76
CA SER B 174 -8.70 -0.32 1.50
C SER B 174 -10.05 -1.01 1.70
N TRP B 175 -10.03 -2.06 2.53
CA TRP B 175 -11.24 -2.80 2.88
C TRP B 175 -12.27 -1.86 3.51
N MET B 176 -11.79 -1.12 4.51
CA MET B 176 -12.62 -0.18 5.24
C MET B 176 -13.20 0.88 4.31
N LYS B 177 -12.41 1.33 3.36
CA LYS B 177 -12.83 2.37 2.44
C LYS B 177 -13.89 1.86 1.47
N GLU B 178 -13.75 0.60 1.04
CA GLU B 178 -14.77 0.02 0.18
C GLU B 178 -16.07 -0.14 0.94
N LYS B 179 -16.00 -0.58 2.20
CA LYS B 179 -17.19 -0.64 3.04
C LYS B 179 -17.85 0.73 3.18
N ILE B 180 -17.04 1.72 3.52
CA ILE B 180 -17.51 3.08 3.78
C ILE B 180 -18.17 3.75 2.55
N PHE B 181 -17.53 3.61 1.39
CA PHE B 181 -18.04 4.27 0.18
C PHE B 181 -19.22 3.54 -0.45
N SER B 182 -19.41 2.28 -0.08
CA SER B 182 -20.58 1.52 -0.52
C SER B 182 -21.73 1.73 0.46
N GLU B 183 -21.48 2.60 1.46
CA GLU B 183 -22.46 2.94 2.48
C GLU B 183 -22.95 1.71 3.25
N VAL B 184 -22.07 0.72 3.39
CA VAL B 184 -22.36 -0.46 4.20
C VAL B 184 -21.54 -0.43 5.48
N THR B 185 -22.21 -0.56 6.62
CA THR B 185 -21.53 -0.61 7.90
C THR B 185 -20.57 -1.79 7.98
N PRO B 186 -19.27 -1.52 8.17
CA PRO B 186 -18.25 -2.56 8.19
C PRO B 186 -18.48 -3.59 9.30
N LYS B 187 -18.67 -4.85 8.89
CA LYS B 187 -18.80 -5.96 9.81
C LYS B 187 -17.68 -6.96 9.54
N CYS B 188 -17.21 -7.62 10.59
CA CYS B 188 -16.19 -8.64 10.45
C CYS B 188 -16.75 -9.78 9.61
N GLU B 189 -16.02 -10.17 8.57
CA GLU B 189 -16.51 -11.22 7.68
C GLU B 189 -16.45 -12.59 8.35
N ASP B 190 -15.79 -12.66 9.50
CA ASP B 190 -15.75 -13.90 10.27
C ASP B 190 -16.85 -13.95 11.33
N CYS B 191 -16.77 -13.08 12.33
CA CYS B 191 -17.68 -13.18 13.47
C CYS B 191 -18.83 -12.17 13.42
N GLN B 192 -18.90 -11.38 12.35
CA GLN B 192 -19.99 -10.44 12.10
C GLN B 192 -20.05 -9.26 13.08
N SER B 193 -19.06 -9.14 13.94
CA SER B 193 -19.01 -8.01 14.86
C SER B 193 -18.66 -6.73 14.11
N LEU B 194 -19.01 -5.59 14.71
CA LEU B 194 -18.67 -4.28 14.16
C LEU B 194 -17.16 -4.13 14.01
N VAL B 195 -16.74 -3.52 12.89
CA VAL B 195 -15.32 -3.24 12.69
C VAL B 195 -15.04 -1.76 12.89
N LYS B 196 -14.13 -1.46 13.81
CA LYS B 196 -13.84 -0.10 14.21
C LYS B 196 -12.41 0.33 13.87
N PRO B 197 -12.26 1.52 13.27
CA PRO B 197 -10.93 2.10 13.04
C PRO B 197 -10.16 2.26 14.35
N ASP B 198 -8.83 2.13 14.28
CA ASP B 198 -8.00 2.18 15.48
C ASP B 198 -7.86 3.60 16.05
N ILE B 199 -8.96 4.34 16.04
CA ILE B 199 -9.03 5.64 16.67
C ILE B 199 -9.41 5.48 18.14
N VAL B 200 -8.80 6.27 19.02
CA VAL B 200 -9.26 6.34 20.39
C VAL B 200 -10.49 7.23 20.47
N PHE B 201 -11.67 6.61 20.62
CA PHE B 201 -12.91 7.36 20.80
C PHE B 201 -12.96 7.92 22.21
N PHE B 202 -13.77 8.97 22.41
CA PHE B 202 -14.05 9.45 23.76
C PHE B 202 -14.60 8.30 24.60
N GLY B 203 -14.04 8.14 25.80
CA GLY B 203 -14.42 7.05 26.67
C GLY B 203 -13.49 5.84 26.57
N GLU B 204 -12.62 5.84 25.56
CA GLU B 204 -11.62 4.77 25.43
C GLU B 204 -10.29 5.18 26.05
N SER B 205 -9.47 4.19 26.35
CA SER B 205 -8.16 4.42 26.94
C SER B 205 -7.11 4.80 25.89
N LEU B 206 -6.21 5.72 26.26
CA LEU B 206 -5.09 6.08 25.40
C LEU B 206 -4.09 4.92 25.39
N PRO B 207 -3.28 4.83 24.32
CA PRO B 207 -2.27 3.76 24.27
C PRO B 207 -1.23 3.92 25.37
N ALA B 208 -0.62 2.81 25.79
CA ALA B 208 0.37 2.81 26.86
C ALA B 208 1.59 3.65 26.50
N ARG B 209 1.92 3.64 25.22
CA ARG B 209 3.04 4.41 24.68
C ARG B 209 2.96 5.88 25.08
N PHE B 210 1.74 6.41 25.10
CA PHE B 210 1.50 7.79 25.53
C PHE B 210 2.10 8.04 26.91
N PHE B 211 1.71 7.21 27.88
CA PHE B 211 2.14 7.38 29.26
C PHE B 211 3.63 7.07 29.47
N SER B 212 4.14 6.01 28.83
CA SER B 212 5.55 5.69 28.99
C SER B 212 6.45 6.79 28.41
N CYS B 213 6.13 7.19 27.19
CA CYS B 213 6.85 8.28 26.53
C CYS B 213 6.73 9.55 27.35
N MET B 214 5.55 9.79 27.92
CA MET B 214 5.36 10.96 28.76
C MET B 214 6.30 10.89 29.97
N GLN B 215 6.47 9.69 30.52
CA GLN B 215 7.36 9.51 31.67
C GLN B 215 8.83 9.75 31.31
N SER B 216 9.20 9.49 30.06
CA SER B 216 10.60 9.69 29.68
C SER B 216 10.94 11.07 29.12
N ASP B 217 10.06 11.62 28.28
CA ASP B 217 10.38 12.80 27.48
C ASP B 217 10.39 14.13 28.23
N PHE B 218 9.44 14.32 29.13
CA PHE B 218 9.19 15.66 29.67
C PHE B 218 10.18 16.10 30.74
N LEU B 219 10.96 15.17 31.29
CA LEU B 219 11.99 15.55 32.24
C LEU B 219 13.21 16.13 31.55
N LYS B 220 13.28 16.01 30.23
CA LYS B 220 14.42 16.53 29.48
C LYS B 220 14.05 17.47 28.33
N VAL B 221 12.80 17.94 28.29
CA VAL B 221 12.37 18.85 27.23
C VAL B 221 12.85 20.28 27.51
N ASP B 222 13.42 20.93 26.49
CA ASP B 222 13.91 22.30 26.62
C ASP B 222 12.93 23.32 26.06
N LEU B 223 11.98 22.87 25.26
CA LEU B 223 10.99 23.76 24.68
C LEU B 223 9.71 23.02 24.31
N LEU B 224 8.58 23.57 24.73
CA LEU B 224 7.29 23.02 24.38
C LEU B 224 6.64 23.85 23.28
N LEU B 225 6.37 23.23 22.14
CA LEU B 225 5.71 23.90 21.03
C LEU B 225 4.30 23.36 20.83
N VAL B 226 3.31 24.16 21.18
CA VAL B 226 1.91 23.74 21.12
C VAL B 226 1.24 24.41 19.94
N MET B 227 0.72 23.62 19.01
CA MET B 227 0.18 24.15 17.76
C MET B 227 -1.18 23.59 17.38
N GLY B 228 -2.11 24.49 17.06
CA GLY B 228 -3.41 24.12 16.52
C GLY B 228 -4.26 23.24 17.40
N THR B 229 -4.35 23.56 18.68
CA THR B 229 -5.23 22.85 19.59
C THR B 229 -5.84 23.78 20.63
N SER B 230 -7.07 23.48 21.03
CA SER B 230 -7.76 24.27 22.03
C SER B 230 -7.43 23.79 23.44
N LEU B 231 -6.70 22.68 23.51
CA LEU B 231 -6.29 22.07 24.78
C LEU B 231 -7.48 21.80 25.69
N GLN B 232 -8.51 21.17 25.13
CA GLN B 232 -9.72 20.86 25.88
C GLN B 232 -9.82 19.37 26.20
N VAL B 233 -9.23 18.54 25.35
CA VAL B 233 -9.32 17.10 25.52
C VAL B 233 -8.27 16.57 26.50
N GLN B 234 -8.72 15.76 27.45
CA GLN B 234 -7.85 15.17 28.47
C GLN B 234 -7.68 13.68 28.22
N PRO B 235 -6.57 13.10 28.68
CA PRO B 235 -5.48 13.71 29.45
C PRO B 235 -4.42 14.45 28.62
N PHE B 236 -4.63 14.56 27.31
CA PHE B 236 -3.63 15.18 26.43
C PHE B 236 -3.25 16.60 26.88
N ALA B 237 -4.25 17.43 27.16
CA ALA B 237 -4.00 18.83 27.51
C ALA B 237 -3.03 18.96 28.67
N SER B 238 -3.19 18.07 29.66
CA SER B 238 -2.41 18.16 30.88
C SER B 238 -0.92 17.93 30.62
N LEU B 239 -0.58 17.51 29.41
CA LEU B 239 0.82 17.40 29.02
C LEU B 239 1.56 18.71 29.23
N ILE B 240 0.86 19.84 29.04
CA ILE B 240 1.55 21.13 29.15
C ILE B 240 2.06 21.34 30.58
N SER B 241 1.42 20.69 31.55
CA SER B 241 1.81 20.86 32.95
C SER B 241 2.90 19.89 33.36
N LYS B 242 3.33 19.03 32.43
CA LYS B 242 4.34 18.02 32.76
C LYS B 242 5.76 18.55 32.54
N ALA B 243 5.88 19.63 31.79
CA ALA B 243 7.18 20.24 31.52
C ALA B 243 7.76 20.86 32.78
N PRO B 244 9.10 20.89 32.89
CA PRO B 244 9.76 21.62 33.98
C PRO B 244 9.32 23.07 34.01
N LEU B 245 9.32 23.68 35.19
CA LEU B 245 8.79 25.03 35.35
C LEU B 245 9.64 26.07 34.62
N SER B 246 10.86 25.69 34.26
CA SER B 246 11.76 26.60 33.54
C SER B 246 11.66 26.44 32.01
N THR B 247 10.97 25.40 31.55
CA THR B 247 10.85 25.14 30.12
C THR B 247 9.89 26.10 29.44
N PRO B 248 10.40 26.87 28.46
CA PRO B 248 9.55 27.81 27.72
C PRO B 248 8.48 27.10 26.91
N ARG B 249 7.31 27.72 26.83
CA ARG B 249 6.17 27.14 26.12
C ARG B 249 5.60 28.14 25.12
N LEU B 250 5.67 27.79 23.85
CA LEU B 250 5.17 28.63 22.76
C LEU B 250 3.89 28.08 22.17
N LEU B 251 2.83 28.89 22.20
CA LEU B 251 1.58 28.52 21.54
C LEU B 251 1.44 29.21 20.18
N ILE B 252 1.25 28.40 19.14
CA ILE B 252 0.91 28.90 17.82
C ILE B 252 -0.49 28.43 17.48
N ASN B 253 -1.45 29.36 17.51
CA ASN B 253 -2.86 29.03 17.43
C ASN B 253 -3.68 30.27 17.09
N LYS B 254 -4.87 30.07 16.55
CA LYS B 254 -5.70 31.22 16.17
C LYS B 254 -6.17 32.01 17.38
N GLU B 255 -6.36 31.33 18.51
CA GLU B 255 -6.70 32.01 19.75
C GLU B 255 -5.96 31.39 20.92
N LYS B 256 -5.91 32.11 22.04
CA LYS B 256 -5.24 31.62 23.24
C LYS B 256 -5.95 30.39 23.81
N ALA B 257 -5.17 29.44 24.30
CA ALA B 257 -5.70 28.23 24.92
C ALA B 257 -4.80 27.76 26.05
N GLY B 258 -5.34 26.93 26.93
CA GLY B 258 -4.53 26.29 27.95
C GLY B 258 -4.27 27.13 29.18
N GLN B 259 -4.98 28.26 29.29
CA GLN B 259 -4.82 29.13 30.44
C GLN B 259 -5.57 28.59 31.65
N SER B 260 -4.92 28.62 32.81
CA SER B 260 -5.49 28.14 34.06
C SER B 260 -5.91 26.67 33.97
N GLY B 272 -0.70 24.93 36.66
CA GLY B 272 0.36 24.68 35.72
C GLY B 272 -0.04 24.99 34.29
N GLY B 273 -1.16 25.68 34.13
CA GLY B 273 -1.64 26.09 32.83
C GLY B 273 -0.83 27.23 32.26
N MET B 274 -1.17 27.65 31.04
CA MET B 274 -0.48 28.74 30.37
C MET B 274 -0.70 30.08 31.07
N ASP B 275 0.36 30.88 31.16
CA ASP B 275 0.26 32.24 31.70
C ASP B 275 0.95 33.21 30.75
N PHE B 276 0.19 33.73 29.79
CA PHE B 276 0.73 34.67 28.82
C PHE B 276 0.76 36.13 29.28
N ASP B 277 -0.26 36.54 30.05
CA ASP B 277 -0.50 37.97 30.24
C ASP B 277 -0.45 38.53 31.66
N SER B 278 -0.42 37.67 32.68
CA SER B 278 -0.38 38.18 34.05
C SER B 278 0.98 38.83 34.32
N LYS B 279 1.07 39.56 35.43
CA LYS B 279 2.32 40.23 35.78
C LYS B 279 3.42 39.21 36.11
N LYS B 280 3.00 38.01 36.46
CA LYS B 280 3.93 36.94 36.82
C LYS B 280 4.37 36.09 35.63
N ALA B 281 3.94 36.47 34.43
CA ALA B 281 4.31 35.75 33.22
C ALA B 281 5.82 35.78 32.99
N TYR B 282 6.41 34.62 32.69
CA TYR B 282 7.86 34.55 32.59
C TYR B 282 8.38 33.58 31.53
N ARG B 283 7.51 32.73 30.97
CA ARG B 283 7.99 31.70 30.04
C ARG B 283 7.02 31.32 28.93
N ASP B 284 5.78 31.79 28.99
CA ASP B 284 4.78 31.38 27.99
C ASP B 284 4.58 32.45 26.92
N VAL B 285 4.56 32.02 25.67
CA VAL B 285 4.38 32.92 24.54
C VAL B 285 3.24 32.47 23.65
N ALA B 286 2.34 33.39 23.33
CA ALA B 286 1.24 33.10 22.43
C ALA B 286 1.38 33.86 21.12
N TRP B 287 1.54 33.14 20.02
CA TRP B 287 1.54 33.74 18.70
C TRP B 287 0.22 33.42 18.02
N LEU B 288 -0.60 34.45 17.81
CA LEU B 288 -1.96 34.24 17.34
C LEU B 288 -2.10 34.46 15.84
N GLY B 289 -2.63 33.44 15.16
CA GLY B 289 -2.78 33.44 13.71
C GLY B 289 -2.84 32.02 13.21
N GLU B 290 -2.72 31.84 11.89
CA GLU B 290 -2.69 30.51 11.30
C GLU B 290 -1.38 29.78 11.60
N CYS B 291 -1.47 28.47 11.83
CA CYS B 291 -0.30 27.65 12.14
C CYS B 291 0.77 27.72 11.06
N ASP B 292 0.36 27.64 9.79
CA ASP B 292 1.30 27.69 8.68
C ASP B 292 2.11 28.98 8.66
N GLN B 293 1.43 30.10 8.87
CA GLN B 293 2.08 31.40 8.90
C GLN B 293 3.00 31.56 10.12
N GLY B 294 2.58 31.00 11.24
CA GLY B 294 3.40 31.05 12.45
C GLY B 294 4.68 30.27 12.27
N CYS B 295 4.57 29.08 11.68
CA CYS B 295 5.72 28.23 11.42
C CYS B 295 6.63 28.87 10.38
N LEU B 296 6.04 29.53 9.39
CA LEU B 296 6.82 30.27 8.41
C LEU B 296 7.61 31.40 9.07
N ALA B 297 6.96 32.14 9.97
CA ALA B 297 7.60 33.24 10.68
C ALA B 297 8.75 32.74 11.55
N LEU B 298 8.51 31.65 12.29
CA LEU B 298 9.54 31.08 13.16
C LEU B 298 10.71 30.55 12.34
N ALA B 299 10.39 29.85 11.25
CA ALA B 299 11.41 29.35 10.33
C ALA B 299 12.26 30.50 9.78
N GLU B 300 11.60 31.60 9.45
CA GLU B 300 12.30 32.79 8.97
C GLU B 300 13.25 33.32 10.03
N LEU B 301 12.76 33.41 11.26
CA LEU B 301 13.58 33.89 12.38
C LEU B 301 14.81 33.01 12.61
N LEU B 302 14.70 31.74 12.24
CA LEU B 302 15.81 30.79 12.43
C LEU B 302 16.68 30.70 11.18
N GLY B 303 16.27 31.38 10.12
CA GLY B 303 16.97 31.31 8.85
C GLY B 303 16.70 30.02 8.09
N TRP B 304 15.51 29.45 8.31
CA TRP B 304 15.14 28.18 7.70
C TRP B 304 14.02 28.28 6.66
N LYS B 305 13.59 29.50 6.33
CA LYS B 305 12.38 29.66 5.51
C LYS B 305 12.52 29.06 4.11
N LYS B 306 13.63 29.37 3.45
CA LYS B 306 13.89 28.83 2.12
C LYS B 306 13.92 27.31 2.15
N GLU B 307 14.66 26.76 3.11
CA GLU B 307 14.75 25.32 3.30
C GLU B 307 13.37 24.70 3.52
N LEU B 308 12.58 25.32 4.38
CA LEU B 308 11.24 24.83 4.69
C LEU B 308 10.35 24.79 3.45
N GLU B 309 10.30 25.88 2.71
CA GLU B 309 9.44 25.94 1.53
C GLU B 309 9.92 25.00 0.43
N ASP B 310 11.23 24.87 0.28
CA ASP B 310 11.79 23.87 -0.64
C ASP B 310 11.33 22.47 -0.25
N LEU B 311 11.39 22.18 1.05
CA LEU B 311 10.96 20.89 1.57
C LEU B 311 9.49 20.63 1.25
N VAL B 312 8.64 21.60 1.56
CA VAL B 312 7.20 21.50 1.32
C VAL B 312 6.90 21.25 -0.16
N ARG B 313 7.53 22.04 -1.02
CA ARG B 313 7.27 21.97 -2.46
C ARG B 313 7.76 20.64 -3.05
N ARG B 314 8.95 20.19 -2.64
CA ARG B 314 9.48 18.92 -3.09
C ARG B 314 8.59 17.75 -2.66
N GLU B 315 8.19 17.75 -1.39
CA GLU B 315 7.39 16.64 -0.86
C GLU B 315 6.00 16.61 -1.49
N HIS B 316 5.38 17.78 -1.62
CA HIS B 316 4.09 17.90 -2.30
C HIS B 316 4.19 17.42 -3.74
N ALA B 317 5.28 17.79 -4.42
CA ALA B 317 5.47 17.39 -5.80
C ALA B 317 5.61 15.88 -5.91
N SER B 318 6.37 15.29 -4.99
CA SER B 318 6.54 13.85 -4.94
C SER B 318 5.21 13.13 -4.73
N ILE B 319 4.38 13.66 -3.82
CA ILE B 319 3.06 13.08 -3.58
C ILE B 319 2.16 13.18 -4.80
N ASP B 320 2.14 14.35 -5.43
CA ASP B 320 1.32 14.58 -6.61
C ASP B 320 1.74 13.73 -7.79
N ALA B 321 3.04 13.46 -7.90
CA ALA B 321 3.57 12.62 -8.98
C ALA B 321 3.12 11.17 -8.83
N GLN B 322 2.79 10.78 -7.60
CA GLN B 322 2.28 9.44 -7.25
C GLN B 322 3.09 8.32 -7.90
N ARG C 1 -14.25 19.57 29.88
CA ARG C 1 -13.15 18.86 29.23
C ARG C 1 -13.52 17.41 28.94
N ALA C 2 -13.88 17.13 27.70
CA ALA C 2 -14.26 15.77 27.30
C ALA C 2 -13.02 14.89 27.41
N ALA C 3 -13.21 13.61 27.67
CA ALA C 3 -12.10 12.78 28.11
C ALA C 3 -12.01 11.44 27.42
N THR C 5 -10.22 8.24 28.44
CA THR C 5 -9.65 7.73 29.68
C THR C 5 -8.43 6.86 29.46
N ARG D 1 -9.99 -12.33 -2.95
CA ARG D 1 -8.72 -13.01 -3.09
C ARG D 1 -8.93 -14.45 -3.51
N ALA D 2 -8.84 -14.69 -4.83
CA ALA D 2 -9.05 -16.02 -5.38
C ALA D 2 -7.91 -16.98 -5.03
N ALA D 3 -8.25 -18.26 -4.90
CA ALA D 3 -7.32 -19.22 -4.31
C ALA D 3 -7.29 -20.55 -5.05
N THR D 5 -5.69 -23.77 -4.00
CA THR D 5 -5.01 -24.41 -2.88
C THR D 5 -3.88 -25.33 -3.33
#